data_2PC8
#
_entry.id   2PC8
#
_cell.length_a   59.950
_cell.length_b   65.320
_cell.length_c   96.540
_cell.angle_alpha   90.00
_cell.angle_beta   90.00
_cell.angle_gamma   90.00
#
_symmetry.space_group_name_H-M   'P 21 21 21'
#
loop_
_entity.id
_entity.type
_entity.pdbx_description
1 polymer 'Hypothetical protein XOG1'
2 non-polymer beta-D-glucopyranose
3 water water
#
_entity_poly.entity_id   1
_entity_poly.type   'polypeptide(L)'
_entity_poly.pdbx_seq_one_letter_code
;GGGHNVAWDYDNNVIRGVNLGGWFVLEPYMTPSLFEPFQNGNDQSGVPVDEYHWTQTLGKEAALRILQKHWSTWITEQDF
KQISNLGLNFVRIPIGYWAFQLLDNDPYVQGQVQYLEKALGWARKNNIRVWIDLHGAPGSQNGFDNSGLRDSYNFQNGDN
TQVTLNVLNTIFKKYGGNEYSDVVIGIELLNEPLGPVLNMDKLKQFFLDGYNSLRQTGSVTPVIIHDAFQVFGYWNNFLT
VAEGQWNVVVDHHHYQVFSGGELSRNINDHISVACNWGWDAKKESHWNVAGQWSAALTDCAKWLNGVNRGARYEGAYDNA
PYIGSCQPLLDISQWSDEHKTDTRRYIEAQLDAFEYTGGWVFWSWKTENAPEWSFQTLTYNGLFPQPVTDRQFPNQCGFH
;
_entity_poly.pdbx_strand_id   A
#
loop_
_chem_comp.id
_chem_comp.type
_chem_comp.name
_chem_comp.formula
BGC D-saccharide, beta linking beta-D-glucopyranose 'C6 H12 O6'
#
# COMPACT_ATOMS: atom_id res chain seq x y z
N ALA A 7 -5.95 19.85 9.15
CA ALA A 7 -7.15 18.96 9.00
C ALA A 7 -7.01 17.65 9.80
N TRP A 8 -5.84 17.49 10.43
CA TRP A 8 -5.53 16.32 11.24
C TRP A 8 -4.53 16.74 12.30
N ASP A 9 -4.60 16.12 13.47
CA ASP A 9 -3.67 16.38 14.55
C ASP A 9 -2.83 15.14 14.72
N TYR A 10 -1.62 15.14 14.14
CA TYR A 10 -0.79 13.94 14.14
C TYR A 10 -0.25 13.64 15.54
N ASP A 11 -0.25 14.62 16.43
CA ASP A 11 0.13 14.38 17.82
C ASP A 11 -0.95 13.67 18.61
N ASN A 12 -2.20 14.01 18.35
CA ASN A 12 -3.30 13.58 19.22
C ASN A 12 -4.27 12.57 18.62
N ASN A 13 -4.36 12.51 17.29
CA ASN A 13 -5.32 11.66 16.62
C ASN A 13 -4.58 10.37 16.19
N VAL A 14 -5.34 9.31 15.95
CA VAL A 14 -4.78 8.08 15.42
C VAL A 14 -5.47 7.76 14.11
N ILE A 15 -4.68 7.48 13.07
CA ILE A 15 -5.19 7.09 11.76
C ILE A 15 -5.70 5.66 11.84
N ARG A 16 -6.95 5.47 11.41
CA ARG A 16 -7.58 4.17 11.30
C ARG A 16 -8.13 4.07 9.89
N GLY A 17 -7.34 3.43 9.03
CA GLY A 17 -7.57 3.52 7.62
C GLY A 17 -7.42 2.27 6.79
N VAL A 18 -7.81 2.42 5.54
CA VAL A 18 -7.65 1.37 4.54
C VAL A 18 -7.06 1.97 3.30
N ASN A 19 -6.31 1.16 2.59
CA ASN A 19 -5.80 1.50 1.27
C ASN A 19 -6.89 1.22 0.24
N LEU A 20 -6.97 2.06 -0.78
CA LEU A 20 -7.86 1.79 -1.92
C LEU A 20 -7.01 1.19 -3.05
N GLY A 21 -6.44 0.03 -2.77
CA GLY A 21 -5.50 -0.61 -3.68
C GLY A 21 -6.22 -1.32 -4.83
N GLY A 22 -5.47 -1.61 -5.89
CA GLY A 22 -5.99 -2.30 -7.05
C GLY A 22 -6.89 -1.43 -7.94
N TRP A 23 -7.09 -0.18 -7.58
CA TRP A 23 -8.01 0.69 -8.28
C TRP A 23 -7.32 1.37 -9.47
N PHE A 24 -6.34 2.25 -9.21
CA PHE A 24 -5.64 2.99 -10.24
C PHE A 24 -4.30 2.37 -10.69
N VAL A 25 -3.85 1.36 -9.98
CA VAL A 25 -2.68 0.58 -10.36
C VAL A 25 -3.13 -0.86 -10.25
N LEU A 26 -3.13 -1.59 -11.35
CA LEU A 26 -3.57 -2.99 -11.32
C LEU A 26 -2.55 -3.87 -10.63
N GLU A 27 -3.03 -4.73 -9.75
CA GLU A 27 -2.22 -5.77 -9.13
C GLU A 27 -2.86 -7.13 -9.35
N PRO A 28 -2.16 -8.01 -10.08
CA PRO A 28 -2.77 -9.29 -10.48
C PRO A 28 -3.40 -10.09 -9.35
N TYR A 29 -2.79 -10.13 -8.17
CA TYR A 29 -3.35 -10.91 -7.09
C TYR A 29 -4.66 -10.31 -6.54
N MET A 30 -4.88 -9.02 -6.76
CA MET A 30 -6.05 -8.35 -6.18
C MET A 30 -7.24 -8.43 -7.12
N THR A 31 -6.97 -8.35 -8.44
CA THR A 31 -8.03 -8.48 -9.47
C THR A 31 -7.61 -9.53 -10.51
N PRO A 32 -7.51 -10.79 -10.10
CA PRO A 32 -7.06 -11.80 -11.03
C PRO A 32 -7.97 -11.97 -12.25
N SER A 33 -9.23 -11.58 -12.14
CA SER A 33 -10.17 -11.70 -13.25
C SER A 33 -9.74 -10.93 -14.49
N LEU A 34 -9.01 -9.83 -14.31
CA LEU A 34 -8.51 -9.05 -15.45
C LEU A 34 -7.32 -9.72 -16.15
N PHE A 35 -6.66 -10.65 -15.48
CA PHE A 35 -5.45 -11.29 -16.02
C PHE A 35 -5.67 -12.74 -16.49
N GLU A 36 -6.61 -13.42 -15.84
CA GLU A 36 -6.90 -14.83 -16.11
C GLU A 36 -7.34 -15.17 -17.56
N PRO A 37 -8.04 -14.25 -18.25
CA PRO A 37 -8.37 -14.53 -19.66
C PRO A 37 -7.16 -14.81 -20.55
N PHE A 38 -5.97 -14.36 -20.14
CA PHE A 38 -4.75 -14.65 -20.90
C PHE A 38 -4.11 -16.03 -20.63
N GLN A 39 -4.62 -16.77 -19.66
CA GLN A 39 -4.10 -18.11 -19.40
C GLN A 39 -4.54 -19.04 -20.52
N ASN A 40 -3.68 -20.00 -20.84
CA ASN A 40 -4.00 -21.07 -21.79
C ASN A 40 -4.04 -22.38 -21.05
N GLY A 41 -5.24 -22.74 -20.63
CA GLY A 41 -5.44 -23.85 -19.73
C GLY A 41 -4.71 -23.58 -18.44
N ASN A 42 -3.71 -24.43 -18.16
CA ASN A 42 -2.92 -24.32 -16.94
C ASN A 42 -1.60 -23.58 -17.18
N ASP A 43 -1.41 -23.10 -18.40
CA ASP A 43 -0.18 -22.44 -18.80
C ASP A 43 -0.35 -20.93 -18.56
N GLN A 44 0.53 -20.39 -17.72
CA GLN A 44 0.48 -18.97 -17.34
C GLN A 44 1.55 -18.17 -18.04
N SER A 45 2.27 -18.81 -18.96
CA SER A 45 3.42 -18.17 -19.60
C SER A 45 3.02 -16.95 -20.45
N GLY A 46 1.79 -16.86 -20.94
CA GLY A 46 1.34 -15.74 -21.72
C GLY A 46 0.53 -14.67 -21.01
N VAL A 47 0.45 -14.77 -19.67
CA VAL A 47 -0.29 -13.79 -18.89
C VAL A 47 0.61 -12.57 -18.68
N PRO A 48 0.11 -11.37 -19.03
CA PRO A 48 0.90 -10.16 -18.78
C PRO A 48 1.18 -10.02 -17.29
N VAL A 49 2.39 -9.60 -16.93
CA VAL A 49 2.82 -9.69 -15.53
C VAL A 49 2.55 -8.41 -14.74
N ASP A 50 2.20 -7.34 -15.43
CA ASP A 50 2.02 -6.04 -14.78
C ASP A 50 1.14 -5.15 -15.65
N GLU A 51 0.77 -3.99 -15.13
CA GLU A 51 -0.08 -3.08 -15.87
C GLU A 51 0.56 -2.61 -17.18
N TYR A 52 1.89 -2.42 -17.16
CA TYR A 52 2.62 -2.01 -18.35
C TYR A 52 2.31 -2.99 -19.50
N HIS A 53 2.52 -4.28 -19.22
CA HIS A 53 2.38 -5.32 -20.26
C HIS A 53 0.92 -5.64 -20.58
N TRP A 54 0.06 -5.51 -19.58
CA TRP A 54 -1.39 -5.70 -19.74
C TRP A 54 -1.96 -4.67 -20.72
N THR A 55 -1.63 -3.39 -20.53
CA THR A 55 -2.07 -2.35 -21.45
C THR A 55 -1.43 -2.48 -22.84
N GLN A 56 -0.19 -2.94 -22.88
CA GLN A 56 0.53 -3.08 -24.14
C GLN A 56 -0.07 -4.19 -24.97
N THR A 57 -0.39 -5.30 -24.33
CA THR A 57 -0.98 -6.47 -24.99
C THR A 57 -2.40 -6.19 -25.51
N LEU A 58 -3.18 -5.41 -24.78
CA LEU A 58 -4.56 -5.15 -25.17
C LEU A 58 -4.64 -4.06 -26.22
N GLY A 59 -3.66 -3.15 -26.19
CA GLY A 59 -3.73 -1.97 -27.03
C GLY A 59 -4.60 -0.91 -26.38
N LYS A 60 -4.49 0.31 -26.88
CA LYS A 60 -5.06 1.46 -26.20
C LYS A 60 -6.58 1.41 -26.11
N GLU A 61 -7.24 1.00 -27.18
CA GLU A 61 -8.71 1.02 -27.22
C GLU A 61 -9.36 0.02 -26.25
N ALA A 62 -8.88 -1.22 -26.28
CA ALA A 62 -9.39 -2.27 -25.38
C ALA A 62 -9.01 -1.95 -23.91
N ALA A 63 -7.78 -1.47 -23.69
CA ALA A 63 -7.34 -1.16 -22.33
C ALA A 63 -8.24 -0.10 -21.72
N LEU A 64 -8.52 0.96 -22.47
CA LEU A 64 -9.39 2.02 -21.97
C LEU A 64 -10.83 1.58 -21.69
N ARG A 65 -11.38 0.74 -22.57
CA ARG A 65 -12.74 0.22 -22.36
C ARG A 65 -12.81 -0.62 -21.06
N ILE A 66 -11.85 -1.51 -20.89
CA ILE A 66 -11.84 -2.40 -19.73
C ILE A 66 -11.53 -1.62 -18.44
N LEU A 67 -10.56 -0.72 -18.51
CA LEU A 67 -10.24 0.09 -17.31
C LEU A 67 -11.32 1.07 -16.91
N GLN A 68 -12.03 1.66 -17.87
CA GLN A 68 -13.15 2.53 -17.54
C GLN A 68 -14.21 1.82 -16.71
N LYS A 69 -14.54 0.60 -17.11
CA LYS A 69 -15.46 -0.22 -16.37
C LYS A 69 -14.94 -0.52 -14.96
N HIS A 70 -13.68 -0.88 -14.88
CA HIS A 70 -13.02 -1.17 -13.59
C HIS A 70 -13.03 0.07 -12.70
N TRP A 71 -12.52 1.19 -13.22
CA TRP A 71 -12.48 2.44 -12.43
C TRP A 71 -13.86 2.87 -11.90
N SER A 72 -14.90 2.68 -12.72
CA SER A 72 -16.24 3.12 -12.36
C SER A 72 -16.99 2.17 -11.41
N THR A 73 -16.48 0.95 -11.19
CA THR A 73 -17.16 -0.04 -10.33
C THR A 73 -16.36 -0.56 -9.14
N TRP A 74 -15.03 -0.54 -9.22
CA TRP A 74 -14.23 -1.19 -8.18
C TRP A 74 -14.42 -0.53 -6.82
N ILE A 75 -14.41 0.80 -6.82
CA ILE A 75 -14.67 1.61 -5.65
C ILE A 75 -15.66 2.70 -6.06
N THR A 76 -16.71 2.87 -5.28
CA THR A 76 -17.71 3.91 -5.55
C THR A 76 -17.98 4.68 -4.28
N GLU A 77 -18.89 5.66 -4.36
CA GLU A 77 -19.30 6.40 -3.18
C GLU A 77 -19.82 5.49 -2.06
N GLN A 78 -20.48 4.37 -2.41
CA GLN A 78 -21.02 3.44 -1.40
C GLN A 78 -19.90 2.85 -0.51
N ASP A 79 -18.75 2.60 -1.11
CA ASP A 79 -17.58 2.12 -0.37
C ASP A 79 -17.14 3.12 0.70
N PHE A 80 -17.14 4.42 0.37
CA PHE A 80 -16.78 5.47 1.31
C PHE A 80 -17.77 5.56 2.46
N LYS A 81 -19.05 5.37 2.16
CA LYS A 81 -20.05 5.33 3.22
C LYS A 81 -19.80 4.14 4.15
N GLN A 82 -19.47 2.98 3.56
CA GLN A 82 -19.24 1.80 4.36
C GLN A 82 -17.97 1.94 5.21
N ILE A 83 -16.95 2.57 4.65
CA ILE A 83 -15.68 2.82 5.38
C ILE A 83 -15.95 3.68 6.62
N SER A 84 -16.69 4.79 6.44
CA SER A 84 -17.13 5.61 7.56
C SER A 84 -17.96 4.83 8.60
N ASN A 85 -18.92 4.06 8.12
CA ASN A 85 -19.77 3.27 9.00
C ASN A 85 -19.03 2.26 9.87
N LEU A 86 -17.91 1.75 9.36
CA LEU A 86 -17.09 0.81 10.10
C LEU A 86 -16.14 1.49 11.11
N GLY A 87 -16.19 2.82 11.22
CA GLY A 87 -15.39 3.54 12.18
C GLY A 87 -14.01 3.92 11.69
N LEU A 88 -13.77 3.80 10.38
CA LEU A 88 -12.51 4.24 9.80
C LEU A 88 -12.56 5.72 9.49
N ASN A 89 -11.40 6.37 9.52
CA ASN A 89 -11.33 7.84 9.38
C ASN A 89 -10.43 8.32 8.23
N PHE A 90 -9.94 7.39 7.44
CA PHE A 90 -8.86 7.69 6.54
C PHE A 90 -8.74 6.66 5.41
N VAL A 91 -8.38 7.14 4.24
CA VAL A 91 -7.99 6.27 3.13
C VAL A 91 -6.68 6.76 2.52
N ARG A 92 -5.90 5.79 2.03
CA ARG A 92 -4.68 6.04 1.25
C ARG A 92 -4.97 5.64 -0.20
N ILE A 93 -4.64 6.52 -1.15
CA ILE A 93 -5.01 6.30 -2.54
C ILE A 93 -3.77 6.18 -3.43
N PRO A 94 -3.37 4.95 -3.78
CA PRO A 94 -2.27 4.75 -4.71
C PRO A 94 -2.63 5.19 -6.13
N ILE A 95 -1.69 5.86 -6.79
CA ILE A 95 -1.86 6.24 -8.20
C ILE A 95 -0.51 6.19 -8.90
N GLY A 96 -0.50 5.81 -10.17
CA GLY A 96 0.74 5.72 -10.92
C GLY A 96 1.09 7.04 -11.60
N TYR A 97 2.36 7.19 -11.99
CA TYR A 97 2.80 8.44 -12.63
C TYR A 97 2.04 8.69 -13.93
N TRP A 98 1.70 7.58 -14.59
CA TRP A 98 1.06 7.61 -15.91
C TRP A 98 -0.32 8.24 -15.94
N ALA A 99 -0.97 8.41 -14.77
CA ALA A 99 -2.22 9.16 -14.70
C ALA A 99 -2.01 10.63 -15.07
N PHE A 100 -0.78 11.10 -14.91
CA PHE A 100 -0.43 12.49 -15.10
C PHE A 100 0.45 12.75 -16.32
N GLN A 101 1.36 11.83 -16.61
CA GLN A 101 2.35 12.07 -17.66
C GLN A 101 2.77 10.72 -18.26
N LEU A 102 2.82 10.64 -19.59
CA LEU A 102 3.33 9.44 -20.24
C LEU A 102 4.74 9.65 -20.79
N LEU A 103 5.59 8.65 -20.67
CA LEU A 103 6.87 8.65 -21.38
C LEU A 103 6.53 8.38 -22.87
N ASP A 104 7.45 8.69 -23.76
CA ASP A 104 7.14 8.65 -25.21
C ASP A 104 6.50 7.36 -25.72
N ASN A 105 7.02 6.21 -25.37
CA ASN A 105 6.37 5.00 -25.92
C ASN A 105 5.60 4.21 -24.85
N ASP A 106 5.08 4.90 -23.85
CA ASP A 106 4.34 4.22 -22.77
C ASP A 106 3.02 3.66 -23.31
N PRO A 107 2.67 2.43 -22.90
CA PRO A 107 1.43 1.76 -23.30
C PRO A 107 0.24 2.16 -22.45
N TYR A 108 0.51 2.79 -21.29
CA TYR A 108 -0.54 3.13 -20.35
C TYR A 108 -1.62 4.03 -20.92
N VAL A 109 -2.82 3.91 -20.38
CA VAL A 109 -3.92 4.81 -20.69
C VAL A 109 -4.22 5.70 -19.46
N GLN A 110 -4.83 6.84 -19.75
CA GLN A 110 -5.15 7.83 -18.73
C GLN A 110 -6.64 7.92 -18.49
N GLY A 111 -7.00 8.74 -17.51
CA GLY A 111 -8.38 8.88 -17.11
C GLY A 111 -8.63 8.65 -15.65
N GLN A 112 -7.58 8.26 -14.92
CA GLN A 112 -7.69 7.98 -13.49
C GLN A 112 -7.99 9.25 -12.72
N VAL A 113 -7.50 10.39 -13.21
CA VAL A 113 -7.64 11.65 -12.46
C VAL A 113 -9.11 11.98 -12.21
N GLN A 114 -9.98 11.76 -13.20
CA GLN A 114 -11.41 12.01 -13.01
C GLN A 114 -11.96 11.30 -11.77
N TYR A 115 -11.55 10.05 -11.58
CA TYR A 115 -12.03 9.24 -10.46
C TYR A 115 -11.34 9.60 -9.14
N LEU A 116 -10.08 9.94 -9.21
CA LEU A 116 -9.38 10.47 -8.04
C LEU A 116 -10.15 11.68 -7.50
N GLU A 117 -10.56 12.59 -8.38
CA GLU A 117 -11.25 13.80 -7.95
C GLU A 117 -12.65 13.51 -7.44
N LYS A 118 -13.34 12.53 -8.02
CA LYS A 118 -14.61 12.05 -7.44
C LYS A 118 -14.38 11.53 -6.03
N ALA A 119 -13.31 10.73 -5.86
CA ALA A 119 -12.99 10.12 -4.55
C ALA A 119 -12.73 11.16 -3.47
N LEU A 120 -12.06 12.25 -3.84
CA LEU A 120 -11.77 13.33 -2.90
C LEU A 120 -13.08 13.97 -2.42
N GLY A 121 -14.05 14.09 -3.32
CA GLY A 121 -15.36 14.57 -2.93
C GLY A 121 -16.12 13.62 -2.05
N TRP A 122 -16.04 12.32 -2.36
CA TRP A 122 -16.68 11.29 -1.54
C TRP A 122 -16.08 11.26 -0.14
N ALA A 123 -14.76 11.48 -0.06
CA ALA A 123 -14.04 11.59 1.21
C ALA A 123 -14.59 12.76 2.03
N ARG A 124 -14.70 13.91 1.38
CA ARG A 124 -15.18 15.11 2.06
C ARG A 124 -16.59 14.88 2.62
N LYS A 125 -17.45 14.29 1.80
CA LYS A 125 -18.82 14.08 2.20
C LYS A 125 -18.95 13.12 3.38
N ASN A 126 -18.00 12.20 3.53
CA ASN A 126 -18.06 11.18 4.56
C ASN A 126 -17.07 11.37 5.71
N ASN A 127 -16.50 12.58 5.78
CA ASN A 127 -15.59 12.99 6.84
C ASN A 127 -14.36 12.06 6.91
N ILE A 128 -13.84 11.70 5.75
CA ILE A 128 -12.69 10.82 5.65
C ILE A 128 -11.52 11.66 5.13
N ARG A 129 -10.34 11.48 5.73
CA ARG A 129 -9.14 12.19 5.30
C ARG A 129 -8.32 11.28 4.38
N VAL A 130 -7.41 11.87 3.63
CA VAL A 130 -6.74 11.16 2.53
C VAL A 130 -5.23 11.40 2.49
N TRP A 131 -4.47 10.34 2.13
CA TRP A 131 -3.16 10.55 1.49
C TRP A 131 -3.27 10.21 0.01
N ILE A 132 -2.62 11.04 -0.81
CA ILE A 132 -2.35 10.67 -2.18
C ILE A 132 -0.92 10.10 -2.22
N ASP A 133 -0.77 8.91 -2.82
CA ASP A 133 0.48 8.15 -2.82
C ASP A 133 0.92 7.88 -4.24
N LEU A 134 2.09 8.39 -4.63
CA LEU A 134 2.68 8.08 -5.94
C LEU A 134 3.29 6.69 -5.88
N HIS A 135 2.57 5.72 -6.44
CA HIS A 135 2.80 4.31 -6.19
C HIS A 135 3.77 3.71 -7.23
N GLY A 136 3.90 4.37 -8.38
CA GLY A 136 4.74 3.88 -9.49
C GLY A 136 5.43 5.06 -10.14
N ALA A 137 6.76 4.97 -10.26
CA ALA A 137 7.58 5.98 -10.92
C ALA A 137 8.13 5.41 -12.25
N PRO A 138 8.42 6.28 -13.20
CA PRO A 138 8.98 5.82 -14.49
C PRO A 138 10.25 4.99 -14.28
N GLY A 139 10.31 3.86 -14.96
CA GLY A 139 11.45 2.99 -14.89
C GLY A 139 11.39 1.99 -13.75
N SER A 140 10.45 2.24 -12.83
CA SER A 140 10.23 1.48 -11.58
C SER A 140 11.27 1.75 -10.50
N GLN A 141 10.74 2.04 -9.33
CA GLN A 141 11.57 2.24 -8.14
C GLN A 141 11.84 0.97 -7.35
N ASN A 142 11.25 -0.16 -7.74
CA ASN A 142 11.36 -1.38 -6.94
C ASN A 142 11.29 -2.71 -7.70
N GLY A 143 10.93 -2.69 -8.99
CA GLY A 143 10.70 -3.91 -9.75
C GLY A 143 9.55 -4.80 -9.31
N PHE A 144 8.65 -4.25 -8.48
CA PHE A 144 7.46 -4.97 -8.05
C PHE A 144 6.38 -4.72 -9.07
N ASP A 145 5.47 -5.67 -9.23
CA ASP A 145 4.40 -5.46 -10.19
C ASP A 145 3.51 -4.27 -9.81
N ASN A 146 3.41 -3.99 -8.52
CA ASN A 146 2.62 -2.87 -8.04
C ASN A 146 3.21 -1.48 -8.30
N SER A 147 4.43 -1.40 -8.84
CA SER A 147 4.95 -0.15 -9.42
C SER A 147 4.49 0.13 -10.85
N GLY A 148 3.85 -0.86 -11.46
CA GLY A 148 3.42 -0.85 -12.85
C GLY A 148 4.33 -1.68 -13.76
N LEU A 149 5.59 -1.85 -13.34
CA LEU A 149 6.60 -2.43 -14.20
C LEU A 149 7.51 -3.36 -13.40
N ARG A 150 7.29 -4.67 -13.57
CA ARG A 150 8.00 -5.67 -12.81
C ARG A 150 9.41 -5.92 -13.34
N ASP A 151 10.31 -6.22 -12.40
CA ASP A 151 11.65 -6.72 -12.71
C ASP A 151 12.57 -5.71 -13.38
N SER A 152 12.24 -4.42 -13.23
CA SER A 152 13.07 -3.31 -13.73
C SER A 152 13.32 -2.35 -12.57
N TYR A 153 14.50 -1.71 -12.54
CA TYR A 153 14.92 -0.89 -11.41
C TYR A 153 15.58 0.37 -11.95
N ASN A 154 14.89 1.11 -12.81
CA ASN A 154 15.53 2.22 -13.53
C ASN A 154 15.08 3.62 -13.14
N PHE A 155 14.42 3.73 -11.99
CA PHE A 155 14.02 5.05 -11.49
C PHE A 155 15.15 6.08 -11.39
N GLN A 156 16.36 5.65 -11.03
CA GLN A 156 17.51 6.57 -10.91
C GLN A 156 18.32 6.68 -12.21
N ASN A 157 17.82 6.08 -13.29
CA ASN A 157 18.53 6.11 -14.57
C ASN A 157 17.95 7.13 -15.49
N GLY A 158 18.81 7.69 -16.34
CA GLY A 158 18.38 8.65 -17.32
C GLY A 158 17.66 9.83 -16.70
N ASP A 159 16.54 10.21 -17.29
CA ASP A 159 15.73 11.34 -16.84
C ASP A 159 14.54 10.91 -15.99
N ASN A 160 14.52 9.66 -15.53
CA ASN A 160 13.36 9.15 -14.81
C ASN A 160 13.10 9.85 -13.46
N THR A 161 14.16 10.22 -12.73
CA THR A 161 13.97 10.96 -11.47
C THR A 161 13.36 12.34 -11.76
N GLN A 162 13.88 13.01 -12.78
CA GLN A 162 13.33 14.31 -13.20
C GLN A 162 11.88 14.25 -13.61
N VAL A 163 11.51 13.25 -14.41
CA VAL A 163 10.13 13.06 -14.77
C VAL A 163 9.26 12.86 -13.52
N THR A 164 9.78 12.10 -12.55
CA THR A 164 9.02 11.83 -11.31
C THR A 164 8.77 13.16 -10.56
N LEU A 165 9.79 14.00 -10.49
CA LEU A 165 9.64 15.30 -9.83
C LEU A 165 8.64 16.21 -10.56
N ASN A 166 8.61 16.13 -11.88
CA ASN A 166 7.63 16.88 -12.68
C ASN A 166 6.19 16.43 -12.40
N VAL A 167 5.99 15.11 -12.32
CA VAL A 167 4.68 14.57 -11.94
C VAL A 167 4.29 15.03 -10.53
N LEU A 168 5.24 14.92 -9.58
CA LEU A 168 4.97 15.37 -8.22
C LEU A 168 4.58 16.85 -8.20
N ASN A 169 5.22 17.68 -9.02
CA ASN A 169 4.85 19.10 -9.01
C ASN A 169 3.43 19.35 -9.50
N THR A 170 2.98 18.52 -10.42
CA THR A 170 1.59 18.56 -10.86
C THR A 170 0.65 18.17 -9.73
N ILE A 171 0.99 17.09 -9.01
CA ILE A 171 0.20 16.64 -7.87
C ILE A 171 0.18 17.74 -6.79
N PHE A 172 1.33 18.37 -6.57
CA PHE A 172 1.44 19.40 -5.55
C PHE A 172 0.53 20.59 -5.87
N LYS A 173 0.53 21.03 -7.13
CA LYS A 173 -0.28 22.21 -7.51
C LYS A 173 -1.77 21.88 -7.50
N LYS A 174 -2.13 20.66 -7.92
CA LYS A 174 -3.54 20.25 -7.91
C LYS A 174 -4.10 19.93 -6.53
N TYR A 175 -3.37 19.18 -5.71
CA TYR A 175 -3.94 18.57 -4.50
C TYR A 175 -3.34 19.03 -3.19
N GLY A 176 -2.28 19.85 -3.25
CA GLY A 176 -1.58 20.32 -2.06
C GLY A 176 -1.94 21.75 -1.69
N GLY A 177 -2.93 22.33 -2.37
CA GLY A 177 -3.32 23.71 -2.14
C GLY A 177 -4.60 23.85 -1.35
N ASN A 178 -5.14 25.06 -1.36
CA ASN A 178 -6.32 25.38 -0.57
C ASN A 178 -7.58 24.59 -0.96
N GLU A 179 -7.67 24.15 -2.20
CA GLU A 179 -8.87 23.47 -2.68
C GLU A 179 -9.19 22.19 -1.90
N TYR A 180 -8.17 21.47 -1.45
CA TYR A 180 -8.39 20.19 -0.78
C TYR A 180 -7.81 20.11 0.61
N SER A 181 -7.54 21.27 1.20
CA SER A 181 -6.83 21.32 2.49
C SER A 181 -7.67 20.74 3.64
N ASP A 182 -8.97 20.59 3.43
CA ASP A 182 -9.84 19.94 4.41
C ASP A 182 -9.91 18.42 4.27
N VAL A 183 -9.30 17.87 3.21
CA VAL A 183 -9.39 16.43 2.90
C VAL A 183 -8.02 15.77 2.85
N VAL A 184 -7.09 16.38 2.13
CA VAL A 184 -5.77 15.80 1.90
C VAL A 184 -4.86 16.15 3.08
N ILE A 185 -4.44 15.11 3.80
CA ILE A 185 -3.55 15.27 4.97
C ILE A 185 -2.12 14.72 4.76
N GLY A 186 -1.80 14.43 3.51
CA GLY A 186 -0.48 14.03 3.15
C GLY A 186 -0.35 13.68 1.69
N ILE A 187 0.82 13.97 1.15
CA ILE A 187 1.20 13.54 -0.18
C ILE A 187 2.45 12.69 -0.01
N GLU A 188 2.37 11.43 -0.42
CA GLU A 188 3.47 10.48 -0.27
C GLU A 188 4.28 10.46 -1.56
N LEU A 189 5.55 10.85 -1.44
CA LEU A 189 6.39 11.13 -2.60
C LEU A 189 6.64 9.92 -3.49
N LEU A 190 6.79 8.74 -2.89
CA LEU A 190 7.10 7.54 -3.66
C LEU A 190 6.91 6.30 -2.80
N ASN A 191 6.06 5.39 -3.25
CA ASN A 191 5.85 4.12 -2.53
C ASN A 191 7.05 3.18 -2.66
N GLU A 192 7.51 2.63 -1.53
CA GLU A 192 8.44 1.49 -1.51
C GLU A 192 9.63 1.53 -2.50
N PRO A 193 10.41 2.63 -2.45
CA PRO A 193 11.67 2.58 -3.19
C PRO A 193 12.53 1.49 -2.56
N LEU A 194 13.10 0.63 -3.39
CA LEU A 194 13.80 -0.55 -2.91
C LEU A 194 15.23 -0.16 -2.52
N GLY A 195 15.36 0.34 -1.30
CA GLY A 195 16.63 0.89 -0.83
C GLY A 195 17.87 0.10 -1.18
N PRO A 196 17.89 -1.21 -0.92
CA PRO A 196 19.08 -2.03 -1.16
C PRO A 196 19.65 -2.02 -2.57
N VAL A 197 18.83 -1.73 -3.58
CA VAL A 197 19.33 -1.68 -4.96
C VAL A 197 19.48 -0.27 -5.49
N LEU A 198 19.12 0.74 -4.69
CA LEU A 198 19.22 2.12 -5.11
C LEU A 198 20.46 2.82 -4.51
N ASN A 199 20.82 3.95 -5.11
CA ASN A 199 21.75 4.89 -4.51
C ASN A 199 20.99 5.74 -3.46
N MET A 200 21.28 5.49 -2.20
CA MET A 200 20.53 6.15 -1.11
C MET A 200 20.79 7.66 -1.01
N ASP A 201 21.99 8.10 -1.39
CA ASP A 201 22.27 9.53 -1.42
C ASP A 201 21.39 10.25 -2.45
N LYS A 202 21.21 9.62 -3.61
CA LYS A 202 20.38 10.21 -4.65
C LYS A 202 18.92 10.14 -4.23
N LEU A 203 18.51 9.07 -3.56
CA LEU A 203 17.13 8.98 -3.07
C LEU A 203 16.83 10.08 -2.04
N LYS A 204 17.76 10.32 -1.12
CA LYS A 204 17.58 11.40 -0.15
C LYS A 204 17.47 12.74 -0.85
N GLN A 205 18.30 12.98 -1.88
CA GLN A 205 18.21 14.24 -2.63
C GLN A 205 16.85 14.42 -3.31
N PHE A 206 16.33 13.33 -3.86
CA PHE A 206 15.02 13.32 -4.46
C PHE A 206 13.94 13.69 -3.42
N PHE A 207 14.00 13.08 -2.24
CA PHE A 207 13.04 13.38 -1.15
C PHE A 207 13.12 14.86 -0.74
N LEU A 208 14.34 15.36 -0.60
CA LEU A 208 14.55 16.76 -0.30
C LEU A 208 14.03 17.71 -1.38
N ASP A 209 14.30 17.41 -2.64
CA ASP A 209 13.75 18.21 -3.76
C ASP A 209 12.23 18.23 -3.77
N GLY A 210 11.59 17.10 -3.51
CA GLY A 210 10.15 17.00 -3.41
C GLY A 210 9.60 17.82 -2.25
N TYR A 211 10.23 17.69 -1.10
CA TYR A 211 9.85 18.49 0.08
C TYR A 211 9.90 19.99 -0.25
N ASN A 212 11.06 20.46 -0.71
CA ASN A 212 11.26 21.87 -1.01
C ASN A 212 10.28 22.38 -2.09
N SER A 213 10.09 21.59 -3.14
CA SER A 213 9.16 21.92 -4.21
C SER A 213 7.72 22.10 -3.73
N LEU A 214 7.25 21.23 -2.86
CA LEU A 214 5.91 21.37 -2.31
C LEU A 214 5.78 22.66 -1.48
N ARG A 215 6.75 22.89 -0.58
CA ARG A 215 6.69 24.05 0.33
C ARG A 215 6.79 25.36 -0.45
N GLN A 216 7.56 25.35 -1.53
CA GLN A 216 7.73 26.52 -2.39
C GLN A 216 6.45 26.92 -3.12
N THR A 217 5.50 25.99 -3.28
CA THR A 217 4.16 26.31 -3.81
C THR A 217 3.27 27.02 -2.81
N GLY A 218 3.73 27.13 -1.56
CA GLY A 218 2.93 27.67 -0.48
C GLY A 218 2.09 26.63 0.23
N SER A 219 2.31 25.35 -0.10
CA SER A 219 1.57 24.28 0.54
C SER A 219 2.12 23.97 1.95
N VAL A 220 1.20 23.69 2.86
CA VAL A 220 1.50 23.26 4.24
C VAL A 220 1.15 21.80 4.43
N THR A 221 0.81 21.12 3.34
CA THR A 221 0.45 19.71 3.38
C THR A 221 1.62 18.87 3.91
N PRO A 222 1.33 17.94 4.82
CA PRO A 222 2.37 17.01 5.23
C PRO A 222 2.99 16.21 4.07
N VAL A 223 4.32 16.08 4.13
CA VAL A 223 5.08 15.26 3.20
C VAL A 223 5.29 13.88 3.84
N ILE A 224 4.92 12.82 3.14
CA ILE A 224 5.05 11.47 3.65
C ILE A 224 6.21 10.82 2.91
N ILE A 225 7.20 10.33 3.65
CA ILE A 225 8.30 9.58 3.04
C ILE A 225 8.21 8.11 3.44
N HIS A 226 8.28 7.21 2.45
CA HIS A 226 8.36 5.79 2.77
C HIS A 226 9.78 5.47 3.27
N ASP A 227 9.91 4.49 4.15
CA ASP A 227 11.19 4.21 4.81
C ASP A 227 12.27 3.53 3.94
N ALA A 228 11.92 3.20 2.69
CA ALA A 228 12.83 2.56 1.74
C ALA A 228 13.44 1.26 2.27
N PHE A 229 12.69 0.60 3.16
CA PHE A 229 13.06 -0.69 3.75
C PHE A 229 14.33 -0.58 4.60
N GLN A 230 14.60 0.62 5.12
CA GLN A 230 15.71 0.83 6.06
C GLN A 230 15.31 0.46 7.50
N VAL A 231 16.32 0.26 8.34
CA VAL A 231 16.09 -0.11 9.73
C VAL A 231 15.36 1.04 10.47
N PHE A 232 14.61 0.69 11.50
CA PHE A 232 13.96 1.70 12.36
C PHE A 232 15.02 2.74 12.80
N GLY A 233 14.62 3.99 12.79
CA GLY A 233 15.49 5.11 13.17
C GLY A 233 16.40 5.69 12.11
N TYR A 234 16.49 5.04 10.96
CA TYR A 234 17.36 5.48 9.88
C TYR A 234 17.09 6.93 9.46
N TRP A 235 15.81 7.32 9.48
CA TRP A 235 15.38 8.61 8.98
C TRP A 235 15.31 9.68 10.06
N ASN A 236 15.75 9.37 11.28
CA ASN A 236 15.61 10.31 12.41
C ASN A 236 16.31 11.65 12.15
N ASN A 237 17.43 11.61 11.44
CA ASN A 237 18.28 12.80 11.21
C ASN A 237 18.03 13.49 9.86
N PHE A 238 16.92 13.14 9.19
CA PHE A 238 16.61 13.65 7.87
C PHE A 238 15.28 14.42 7.93
N LEU A 239 15.21 15.56 7.26
CA LEU A 239 13.99 16.40 7.26
C LEU A 239 13.55 16.74 8.70
N THR A 240 14.41 17.51 9.38
CA THR A 240 14.25 17.73 10.81
C THR A 240 13.90 19.18 11.10
N VAL A 241 13.22 19.35 12.23
CA VAL A 241 12.87 20.68 12.75
C VAL A 241 14.14 21.52 12.96
N ALA A 242 15.23 20.89 13.40
CA ALA A 242 16.51 21.59 13.56
C ALA A 242 16.93 22.31 12.28
N GLU A 243 16.51 21.76 11.14
CA GLU A 243 16.84 22.34 9.84
C GLU A 243 15.69 23.07 9.17
N GLY A 244 14.63 23.35 9.93
CA GLY A 244 13.49 24.12 9.44
C GLY A 244 12.58 23.33 8.52
N GLN A 245 12.63 22.01 8.62
CA GLN A 245 11.84 21.13 7.78
C GLN A 245 10.78 20.52 8.67
N TRP A 246 9.50 20.65 8.29
CA TRP A 246 8.38 20.43 9.20
C TRP A 246 7.21 19.82 8.44
N ASN A 247 6.31 19.19 9.19
CA ASN A 247 5.16 18.46 8.69
C ASN A 247 5.63 17.30 7.81
N VAL A 248 6.44 16.44 8.41
CA VAL A 248 7.03 15.28 7.74
C VAL A 248 6.59 14.02 8.49
N VAL A 249 6.15 13.00 7.75
CA VAL A 249 5.69 11.75 8.35
C VAL A 249 6.44 10.62 7.66
N VAL A 250 6.85 9.62 8.41
CA VAL A 250 7.48 8.43 7.85
C VAL A 250 6.45 7.30 7.82
N ASP A 251 6.40 6.66 6.66
CA ASP A 251 5.51 5.54 6.37
C ASP A 251 6.31 4.24 6.40
N HIS A 252 5.99 3.38 7.36
CA HIS A 252 6.58 2.05 7.50
C HIS A 252 5.59 1.02 7.01
N HIS A 253 6.03 0.06 6.21
CA HIS A 253 5.19 -1.06 5.82
C HIS A 253 5.67 -2.30 6.55
N HIS A 254 4.74 -3.17 6.90
CA HIS A 254 5.10 -4.34 7.72
C HIS A 254 4.34 -5.56 7.27
N TYR A 255 5.09 -6.59 6.89
CA TYR A 255 4.53 -7.93 6.63
C TYR A 255 5.43 -9.01 7.24
N GLN A 256 4.91 -10.23 7.37
CA GLN A 256 5.71 -11.35 7.83
C GLN A 256 5.53 -12.58 6.92
N VAL A 257 5.48 -12.34 5.61
CA VAL A 257 5.17 -13.42 4.66
C VAL A 257 6.11 -13.53 3.45
N PHE A 258 7.10 -12.64 3.30
CA PHE A 258 7.89 -12.62 2.06
C PHE A 258 9.29 -13.22 2.16
N SER A 259 9.45 -14.11 3.12
CA SER A 259 10.63 -14.94 3.20
C SER A 259 10.30 -16.21 3.96
N GLY A 260 11.11 -17.24 3.71
CA GLY A 260 10.98 -18.52 4.41
C GLY A 260 11.13 -18.39 5.91
N GLY A 261 12.10 -17.58 6.33
CA GLY A 261 12.31 -17.33 7.76
C GLY A 261 11.12 -16.71 8.48
N GLU A 262 10.48 -15.73 7.85
CA GLU A 262 9.30 -15.11 8.44
C GLU A 262 8.12 -16.07 8.47
N LEU A 263 7.93 -16.83 7.40
CA LEU A 263 6.80 -17.75 7.27
C LEU A 263 6.86 -18.88 8.29
N SER A 264 8.08 -19.30 8.64
CA SER A 264 8.20 -20.46 9.53
C SER A 264 8.00 -20.14 11.02
N ARG A 265 7.85 -18.87 11.37
CA ARG A 265 7.60 -18.49 12.76
C ARG A 265 6.29 -19.07 13.26
N ASN A 266 6.28 -19.56 14.50
CA ASN A 266 5.02 -19.91 15.17
C ASN A 266 4.20 -18.64 15.50
N ILE A 267 2.93 -18.81 15.83
CA ILE A 267 2.07 -17.64 16.06
C ILE A 267 2.59 -16.72 17.18
N ASN A 268 3.14 -17.29 18.24
CA ASN A 268 3.66 -16.47 19.31
C ASN A 268 4.80 -15.59 18.87
N ASP A 269 5.68 -16.13 18.03
CA ASP A 269 6.81 -15.39 17.48
C ASP A 269 6.33 -14.33 16.46
N HIS A 270 5.28 -14.63 15.70
CA HIS A 270 4.66 -13.61 14.85
C HIS A 270 4.16 -12.42 15.67
N ILE A 271 3.55 -12.73 16.81
CA ILE A 271 3.05 -11.70 17.71
C ILE A 271 4.18 -10.89 18.34
N SER A 272 5.23 -11.56 18.81
CA SER A 272 6.39 -10.86 19.38
C SER A 272 6.99 -9.85 18.38
N VAL A 273 7.12 -10.27 17.13
CA VAL A 273 7.62 -9.37 16.07
C VAL A 273 6.71 -8.15 15.86
N ALA A 274 5.40 -8.38 15.81
CA ALA A 274 4.42 -7.29 15.71
C ALA A 274 4.52 -6.29 16.86
N CYS A 275 4.59 -6.81 18.08
CA CYS A 275 4.75 -5.96 19.27
C CYS A 275 6.03 -5.12 19.17
N ASN A 276 7.12 -5.74 18.72
CA ASN A 276 8.40 -5.03 18.62
C ASN A 276 8.34 -3.91 17.58
N TRP A 277 7.57 -4.08 16.52
CA TRP A 277 7.33 -2.96 15.59
C TRP A 277 6.82 -1.73 16.32
N GLY A 278 5.93 -1.94 17.27
CA GLY A 278 5.41 -0.81 18.08
C GLY A 278 6.46 -0.16 18.96
N TRP A 279 7.20 -1.00 19.70
CA TRP A 279 8.23 -0.50 20.59
C TRP A 279 9.26 0.33 19.82
N ASP A 280 9.69 -0.17 18.67
CA ASP A 280 10.76 0.50 17.94
C ASP A 280 10.29 1.74 17.22
N ALA A 281 9.05 1.74 16.71
CA ALA A 281 8.52 2.96 16.06
C ALA A 281 8.39 4.12 17.07
N LYS A 282 8.06 3.78 18.29
CA LYS A 282 7.89 4.78 19.38
C LYS A 282 9.18 5.56 19.62
N LYS A 283 10.33 4.93 19.41
CA LYS A 283 11.63 5.56 19.62
C LYS A 283 11.99 6.58 18.52
N GLU A 284 11.31 6.54 17.38
CA GLU A 284 11.69 7.41 16.28
C GLU A 284 11.29 8.87 16.51
N SER A 285 11.96 9.77 15.82
CA SER A 285 11.78 11.19 16.02
C SER A 285 10.79 11.86 15.06
N HIS A 286 10.29 11.15 14.05
CA HIS A 286 9.20 11.69 13.22
C HIS A 286 7.91 11.01 13.55
N TRP A 287 6.81 11.73 13.32
CA TRP A 287 5.50 11.13 13.24
C TRP A 287 5.60 9.96 12.25
N ASN A 288 4.94 8.86 12.56
CA ASN A 288 5.00 7.68 11.69
C ASN A 288 3.69 6.88 11.73
N VAL A 289 3.38 6.24 10.60
CA VAL A 289 2.15 5.53 10.38
C VAL A 289 2.48 4.26 9.61
N ALA A 290 1.83 3.16 9.99
CA ALA A 290 1.97 1.89 9.28
C ALA A 290 1.05 1.92 8.05
N GLY A 291 1.61 2.33 6.90
CA GLY A 291 0.79 2.67 5.71
C GLY A 291 0.35 1.48 4.88
N GLN A 292 0.99 0.33 5.09
CA GLN A 292 0.60 -0.95 4.52
C GLN A 292 0.96 -2.08 5.48
N TRP A 293 0.00 -2.98 5.68
CA TRP A 293 0.15 -4.19 6.51
C TRP A 293 -1.07 -5.05 6.21
N SER A 294 -1.10 -6.29 6.63
CA SER A 294 -2.30 -7.09 6.44
C SER A 294 -2.41 -8.18 7.49
N ALA A 295 -3.40 -9.06 7.30
CA ALA A 295 -3.65 -10.21 8.14
C ALA A 295 -2.90 -11.45 7.71
N ALA A 296 -2.19 -11.38 6.57
CA ALA A 296 -1.60 -12.58 5.99
C ALA A 296 -0.55 -13.19 6.89
N LEU A 297 -0.70 -14.49 7.12
CA LEU A 297 0.33 -15.34 7.76
C LEU A 297 0.94 -16.32 6.76
N THR A 298 0.49 -16.25 5.50
CA THR A 298 1.05 -17.05 4.41
C THR A 298 1.21 -16.17 3.19
N ASP A 299 1.97 -16.66 2.20
CA ASP A 299 2.01 -16.02 0.89
C ASP A 299 1.21 -16.83 -0.16
N CYS A 300 0.10 -17.44 0.28
CA CYS A 300 -0.70 -18.35 -0.55
C CYS A 300 -1.59 -17.69 -1.60
N ALA A 301 -1.94 -16.41 -1.43
CA ALA A 301 -2.82 -15.77 -2.39
C ALA A 301 -2.26 -15.91 -3.81
N LYS A 302 -3.11 -16.28 -4.75
CA LYS A 302 -2.66 -16.57 -6.12
C LYS A 302 -2.00 -15.32 -6.65
N TRP A 303 -0.78 -15.48 -7.16
CA TRP A 303 0.02 -14.41 -7.76
C TRP A 303 0.48 -13.28 -6.81
N LEU A 304 0.39 -13.48 -5.50
CA LEU A 304 0.89 -12.47 -4.54
C LEU A 304 2.38 -12.11 -4.85
N ASN A 305 3.16 -13.13 -5.20
CA ASN A 305 4.60 -12.94 -5.51
C ASN A 305 4.84 -12.49 -6.94
N GLY A 306 3.80 -12.53 -7.72
CA GLY A 306 3.79 -12.14 -9.10
C GLY A 306 3.13 -13.20 -9.96
N VAL A 307 2.67 -12.78 -11.12
CA VAL A 307 2.18 -13.69 -12.15
C VAL A 307 3.23 -14.76 -12.46
N ASN A 308 2.76 -16.01 -12.55
CA ASN A 308 3.60 -17.17 -12.83
C ASN A 308 4.65 -17.46 -11.78
N ARG A 309 4.40 -17.04 -10.55
CA ARG A 309 5.25 -17.42 -9.43
C ARG A 309 4.38 -18.05 -8.37
N GLY A 310 4.93 -19.07 -7.70
CA GLY A 310 4.20 -19.80 -6.70
C GLY A 310 4.38 -19.21 -5.31
N ALA A 311 4.00 -20.01 -4.32
CA ALA A 311 4.05 -19.65 -2.90
C ALA A 311 5.22 -20.32 -2.18
N ARG A 312 5.95 -19.53 -1.40
CA ARG A 312 6.97 -20.07 -0.52
C ARG A 312 6.36 -21.01 0.51
N TYR A 313 5.14 -20.69 0.96
CA TYR A 313 4.50 -21.45 2.01
C TYR A 313 4.41 -22.95 1.67
N GLU A 314 4.19 -23.26 0.40
CA GLU A 314 4.10 -24.65 0.01
C GLU A 314 5.34 -25.11 -0.74
N GLY A 315 6.44 -24.41 -0.49
CA GLY A 315 7.77 -24.76 -1.01
C GLY A 315 7.84 -24.69 -2.52
N ALA A 316 7.10 -23.73 -3.11
CA ALA A 316 6.97 -23.60 -4.55
C ALA A 316 7.59 -22.32 -5.07
N TYR A 317 8.39 -21.64 -4.26
CA TYR A 317 9.06 -20.38 -4.67
C TYR A 317 10.24 -20.05 -3.77
N ASP A 318 11.29 -19.42 -4.34
CA ASP A 318 12.35 -18.75 -3.56
C ASP A 318 13.13 -19.76 -2.70
N ASN A 319 13.19 -21.01 -3.18
CA ASN A 319 13.80 -22.13 -2.46
C ASN A 319 13.38 -22.33 -0.99
N ALA A 320 12.14 -21.94 -0.66
CA ALA A 320 11.68 -22.04 0.72
C ALA A 320 11.26 -23.47 1.02
N PRO A 321 11.35 -23.89 2.29
CA PRO A 321 10.84 -25.21 2.64
C PRO A 321 9.30 -25.24 2.62
N TYR A 322 8.71 -26.40 2.32
CA TYR A 322 7.27 -26.63 2.48
C TYR A 322 6.88 -26.46 3.93
N ILE A 323 5.89 -25.61 4.17
CA ILE A 323 5.29 -25.48 5.49
C ILE A 323 3.93 -26.14 5.48
N GLY A 324 3.09 -25.78 4.52
CA GLY A 324 1.77 -26.38 4.43
C GLY A 324 1.15 -26.14 3.08
N SER A 325 0.04 -26.81 2.79
CA SER A 325 -0.62 -26.68 1.51
C SER A 325 -1.46 -25.40 1.47
N CYS A 326 -1.41 -24.70 0.34
CA CYS A 326 -2.15 -23.44 0.21
C CYS A 326 -3.61 -23.66 -0.10
N GLN A 327 -3.93 -24.74 -0.79
CA GLN A 327 -5.29 -24.91 -1.29
C GLN A 327 -6.36 -24.75 -0.21
N PRO A 328 -6.20 -25.38 0.96
CA PRO A 328 -7.16 -25.24 2.07
C PRO A 328 -7.32 -23.83 2.61
N LEU A 329 -6.34 -22.97 2.34
CA LEU A 329 -6.29 -21.63 2.92
C LEU A 329 -6.80 -20.55 1.95
N LEU A 330 -7.19 -20.95 0.74
CA LEU A 330 -7.63 -20.00 -0.27
C LEU A 330 -9.06 -19.48 0.00
N ASP A 331 -9.86 -20.27 0.72
CA ASP A 331 -11.24 -19.93 1.03
C ASP A 331 -11.42 -19.84 2.53
N ILE A 332 -11.84 -18.68 3.00
CA ILE A 332 -11.96 -18.41 4.42
C ILE A 332 -12.97 -19.36 5.09
N SER A 333 -13.93 -19.86 4.33
CA SER A 333 -14.88 -20.88 4.83
C SER A 333 -14.23 -22.23 5.12
N GLN A 334 -13.07 -22.49 4.54
CA GLN A 334 -12.35 -23.73 4.79
C GLN A 334 -11.29 -23.61 5.88
N TRP A 335 -11.12 -22.41 6.47
CA TRP A 335 -10.08 -22.25 7.46
C TRP A 335 -10.42 -23.02 8.73
N SER A 336 -9.40 -23.64 9.31
CA SER A 336 -9.55 -24.28 10.61
C SER A 336 -9.83 -23.24 11.71
N ASP A 337 -10.43 -23.71 12.80
CA ASP A 337 -10.62 -22.87 13.98
C ASP A 337 -9.31 -22.27 14.46
N GLU A 338 -8.24 -23.06 14.43
CA GLU A 338 -6.94 -22.56 14.86
C GLU A 338 -6.43 -21.46 13.96
N HIS A 339 -6.59 -21.59 12.65
CA HIS A 339 -6.13 -20.52 11.75
C HIS A 339 -6.93 -19.22 11.92
N LYS A 340 -8.23 -19.34 12.18
CA LYS A 340 -9.06 -18.16 12.45
C LYS A 340 -8.61 -17.46 13.73
N THR A 341 -8.33 -18.25 14.76
CA THR A 341 -7.89 -17.70 16.03
C THR A 341 -6.52 -17.01 15.89
N ASP A 342 -5.60 -17.69 15.22
CA ASP A 342 -4.27 -17.13 14.97
C ASP A 342 -4.38 -15.79 14.24
N THR A 343 -5.28 -15.73 13.26
CA THR A 343 -5.50 -14.51 12.47
C THR A 343 -6.00 -13.35 13.34
N ARG A 344 -7.02 -13.63 14.16
CA ARG A 344 -7.55 -12.59 15.05
C ARG A 344 -6.47 -12.07 16.02
N ARG A 345 -5.71 -12.99 16.61
CA ARG A 345 -4.62 -12.61 17.52
C ARG A 345 -3.62 -11.71 16.82
N TYR A 346 -3.30 -12.05 15.58
CA TYR A 346 -2.28 -11.33 14.81
C TYR A 346 -2.77 -9.96 14.42
N ILE A 347 -4.04 -9.87 14.04
CA ILE A 347 -4.63 -8.57 13.74
C ILE A 347 -4.63 -7.67 14.97
N GLU A 348 -5.07 -8.19 16.10
CA GLU A 348 -5.13 -7.35 17.32
C GLU A 348 -3.74 -6.86 17.78
N ALA A 349 -2.73 -7.71 17.74
CA ALA A 349 -1.37 -7.32 18.12
C ALA A 349 -0.86 -6.19 17.21
N GLN A 350 -1.10 -6.30 15.90
CA GLN A 350 -0.71 -5.25 14.95
C GLN A 350 -1.43 -3.95 15.20
N LEU A 351 -2.75 -4.02 15.41
CA LEU A 351 -3.52 -2.82 15.75
C LEU A 351 -2.97 -2.11 17.00
N ASP A 352 -2.67 -2.86 18.05
CA ASP A 352 -2.14 -2.28 19.27
C ASP A 352 -0.78 -1.61 19.00
N ALA A 353 0.07 -2.33 18.29
CA ALA A 353 1.40 -1.83 17.95
C ALA A 353 1.31 -0.51 17.14
N PHE A 354 0.43 -0.49 16.15
CA PHE A 354 0.37 0.67 15.27
C PHE A 354 -0.34 1.88 15.88
N GLU A 355 -1.33 1.63 16.71
CA GLU A 355 -1.97 2.71 17.48
C GLU A 355 -1.08 3.32 18.55
N TYR A 356 -0.02 2.61 18.89
CA TYR A 356 0.98 3.11 19.83
C TYR A 356 1.74 4.32 19.27
N THR A 357 1.82 4.44 17.93
CA THR A 357 2.27 5.68 17.30
C THR A 357 1.15 6.31 16.43
N GLY A 358 1.39 6.57 15.15
CA GLY A 358 0.45 7.39 14.39
C GLY A 358 -0.81 6.69 13.88
N GLY A 359 -0.89 5.37 14.04
CA GLY A 359 -2.02 4.62 13.49
C GLY A 359 -1.63 3.74 12.31
N TRP A 360 -2.63 3.34 11.55
CA TRP A 360 -2.50 2.21 10.63
C TRP A 360 -3.41 2.31 9.40
N VAL A 361 -2.97 1.69 8.30
CA VAL A 361 -3.69 1.73 7.04
C VAL A 361 -3.61 0.33 6.41
N PHE A 362 -4.67 -0.43 6.54
CA PHE A 362 -4.67 -1.84 6.13
C PHE A 362 -4.62 -1.95 4.60
N TRP A 363 -3.81 -2.89 4.13
CA TRP A 363 -3.76 -3.25 2.70
C TRP A 363 -4.53 -4.56 2.51
N SER A 364 -5.75 -4.52 1.96
CA SER A 364 -6.41 -3.37 1.31
C SER A 364 -7.91 -3.46 1.62
N TRP A 365 -8.67 -2.46 1.21
CA TRP A 365 -10.13 -2.46 1.42
C TRP A 365 -10.81 -3.72 0.89
N LYS A 366 -10.44 -4.11 -0.32
CA LYS A 366 -11.08 -5.23 -0.99
C LYS A 366 -10.15 -5.93 -1.98
N THR A 367 -10.41 -7.22 -2.16
CA THR A 367 -9.80 -8.03 -3.22
C THR A 367 -10.89 -8.86 -3.80
N GLU A 368 -10.67 -9.42 -4.98
CA GLU A 368 -11.69 -10.30 -5.57
C GLU A 368 -11.91 -11.54 -4.73
N ASN A 369 -10.82 -12.18 -4.32
CA ASN A 369 -10.90 -13.47 -3.67
C ASN A 369 -9.69 -13.85 -2.82
N ALA A 370 -9.01 -12.85 -2.27
CA ALA A 370 -7.85 -13.11 -1.42
C ALA A 370 -8.20 -12.57 -0.02
N PRO A 371 -8.73 -13.45 0.85
CA PRO A 371 -9.26 -13.01 2.14
C PRO A 371 -8.26 -12.38 3.12
N GLU A 372 -7.00 -12.83 3.09
CA GLU A 372 -6.01 -12.29 4.01
C GLU A 372 -5.73 -10.79 3.78
N TRP A 373 -6.07 -10.31 2.59
CA TRP A 373 -5.73 -9.00 2.09
C TRP A 373 -6.98 -8.11 1.87
N SER A 374 -8.11 -8.52 2.46
CA SER A 374 -9.36 -7.81 2.29
C SER A 374 -9.98 -7.44 3.63
N PHE A 375 -10.00 -6.14 3.91
CA PHE A 375 -10.60 -5.62 5.12
C PHE A 375 -12.08 -6.01 5.20
N GLN A 376 -12.77 -5.91 4.07
CA GLN A 376 -14.19 -6.26 4.01
C GLN A 376 -14.42 -7.71 4.42
N THR A 377 -13.69 -8.62 3.79
CA THR A 377 -13.88 -10.04 4.02
C THR A 377 -13.58 -10.44 5.46
N LEU A 378 -12.48 -9.88 5.99
CA LEU A 378 -12.07 -10.19 7.37
C LEU A 378 -13.10 -9.65 8.37
N THR A 379 -13.64 -8.47 8.09
CA THR A 379 -14.65 -7.85 8.97
C THR A 379 -15.94 -8.68 8.97
N TYR A 380 -16.41 -9.04 7.78
CA TYR A 380 -17.66 -9.81 7.67
C TYR A 380 -17.58 -11.17 8.29
N ASN A 381 -16.38 -11.75 8.37
CA ASN A 381 -16.15 -13.06 8.95
C ASN A 381 -15.72 -13.02 10.41
N GLY A 382 -15.79 -11.83 11.01
CA GLY A 382 -15.53 -11.66 12.44
C GLY A 382 -14.08 -11.73 12.86
N LEU A 383 -13.15 -11.62 11.92
CA LEU A 383 -11.72 -11.74 12.23
C LEU A 383 -11.02 -10.39 12.40
N PHE A 384 -11.54 -9.35 11.76
CA PHE A 384 -11.09 -8.01 12.03
C PHE A 384 -12.06 -7.44 13.06
N PRO A 385 -11.54 -6.92 14.20
CA PRO A 385 -12.42 -6.35 15.24
C PRO A 385 -13.41 -5.31 14.67
N GLN A 386 -14.67 -5.40 15.06
CA GLN A 386 -15.66 -4.39 14.73
C GLN A 386 -16.53 -4.23 15.97
N PRO A 387 -16.51 -3.06 16.63
CA PRO A 387 -15.70 -1.90 16.37
C PRO A 387 -14.21 -2.20 16.45
N VAL A 388 -13.41 -1.38 15.78
CA VAL A 388 -12.00 -1.67 15.61
C VAL A 388 -11.22 -1.67 16.94
N THR A 389 -11.83 -1.14 18.01
CA THR A 389 -11.27 -1.18 19.37
C THR A 389 -11.56 -2.47 20.15
N ASP A 390 -12.47 -3.30 19.66
CA ASP A 390 -12.79 -4.59 20.27
C ASP A 390 -11.56 -5.49 20.38
N ARG A 391 -11.38 -6.13 21.52
CA ARG A 391 -10.25 -7.08 21.68
C ARG A 391 -10.73 -8.38 22.28
N GLN A 392 -10.51 -9.48 21.56
CA GLN A 392 -10.66 -10.83 22.10
C GLN A 392 -9.38 -11.28 22.79
N PHE A 393 -8.26 -10.63 22.49
CA PHE A 393 -6.94 -10.99 23.05
C PHE A 393 -6.30 -9.72 23.54
N PRO A 394 -6.83 -9.17 24.62
CA PRO A 394 -6.35 -7.88 25.06
C PRO A 394 -4.91 -7.89 25.55
N ASN A 395 -4.20 -6.82 25.29
CA ASN A 395 -2.88 -6.56 25.86
C ASN A 395 -1.83 -7.64 25.63
N GLN A 396 -1.70 -8.08 24.38
CA GLN A 396 -0.67 -9.02 24.03
C GLN A 396 0.73 -8.43 24.11
N CYS A 397 0.85 -7.11 23.93
CA CYS A 397 2.17 -6.48 23.82
C CYS A 397 2.66 -5.82 25.11
N GLY A 398 1.75 -5.39 25.97
CA GLY A 398 2.13 -4.75 27.23
C GLY A 398 2.73 -3.37 27.07
N PHE A 399 2.18 -2.56 26.16
CA PHE A 399 2.68 -1.21 25.96
C PHE A 399 2.35 -0.33 27.18
N HIS A 400 3.19 0.64 27.46
CA HIS A 400 2.92 1.60 28.51
C HIS A 400 3.45 2.98 28.17
C2 BGC B . 7.28 18.25 12.88
C3 BGC B . 7.12 16.91 12.15
C4 BGC B . 7.65 15.74 13.00
C5 BGC B . 7.02 15.80 14.40
C6 BGC B . 7.54 14.72 15.33
C1 BGC B . 6.65 18.16 14.27
O1 BGC B . 6.84 19.37 14.96
O2 BGC B . 6.66 19.29 12.16
O3 BGC B . 7.75 16.93 10.89
O4 BGC B . 7.42 14.48 12.37
O5 BGC B . 7.22 17.08 15.01
O6 BGC B . 8.88 14.98 15.68
O6 BGC B . 6.96 14.92 16.61
C2 BGC C . 6.78 -6.50 -1.05
C3 BGC C . 6.32 -7.47 -2.14
C4 BGC C . 7.49 -8.18 -2.79
C5 BGC C . 8.38 -8.79 -1.70
C6 BGC C . 9.60 -9.52 -2.26
C1 BGC C . 7.75 -7.19 -0.08
O1 BGC C . 8.27 -6.28 0.86
O2 BGC C . 5.66 -6.04 -0.34
O3 BGC C . 5.56 -6.78 -3.11
O4 BGC C . 6.99 -9.18 -3.64
O5 BGC C . 8.80 -7.75 -0.83
O6 BGC C . 10.68 -8.64 -2.45
#